data_5W27
#
_entry.id   5W27
#
_cell.length_a   45.576
_cell.length_b   67.698
_cell.length_c   84.323
_cell.angle_alpha   90.00
_cell.angle_beta   90.00
_cell.angle_gamma   90.00
#
_symmetry.space_group_name_H-M   'P 21 21 21'
#
loop_
_entity.id
_entity.type
_entity.pdbx_description
1 polymer 'Glyoxalase/bleomycin resisance protein/dioxygenase'
2 non-polymer 'methyl (2E)-3-[(1aS,11S,11aS,14Z,18R)-3,18-dihydroxy-4,9-dioxo-4,9,10,11-tetrahydro-11aH-11,1a-hept[3]ene[1,5]diynonaphtho[2,3-h]oxireno[c]quinolin-11a-yl]but-2-enoate'
3 water water
#
_entity_poly.entity_id   1
_entity_poly.type   'polypeptide(L)'
_entity_poly.pdbx_seq_one_letter_code
;MGSSHHHHHHSSGLVPRGSHMAISHVQLFSVPVSDQEKAKDFYVETVGFDLLADQPGVHGRWLQVAPKGADTSLVLVDWF
PTMPPGSLRGLLLRTDDVDADCARLQERGVAVDGPKNTPWGRQAMFSDPDGNVIGLNQPSASAG
;
_entity_poly.pdbx_strand_id   A,B
#
# COMPACT_ATOMS: atom_id res chain seq x y z
N HIS A 20 16.44 -4.50 -17.32
CA HIS A 20 15.80 -4.40 -15.96
C HIS A 20 14.98 -3.11 -15.81
N MET A 21 13.95 -3.18 -14.99
CA MET A 21 12.98 -2.09 -14.84
C MET A 21 13.54 -0.96 -13.98
N ALA A 22 13.05 0.27 -14.22
CA ALA A 22 13.54 1.48 -13.56
C ALA A 22 12.72 1.88 -12.34
N ILE A 23 11.84 1.00 -11.88
CA ILE A 23 10.96 1.28 -10.73
C ILE A 23 11.82 1.31 -9.46
N SER A 24 11.69 2.38 -8.66
CA SER A 24 12.49 2.51 -7.43
C SER A 24 11.74 2.09 -6.17
N HIS A 25 10.46 2.44 -6.08
CA HIS A 25 9.68 2.18 -4.88
C HIS A 25 8.21 2.44 -5.17
N VAL A 26 7.36 2.01 -4.24
CA VAL A 26 5.94 2.33 -4.28
C VAL A 26 5.81 3.78 -3.87
N GLN A 27 5.27 4.64 -4.73
CA GLN A 27 5.09 6.05 -4.37
C GLN A 27 3.95 6.21 -3.37
N LEU A 28 2.84 5.54 -3.66
CA LEU A 28 1.68 5.59 -2.80
C LEU A 28 0.73 4.44 -3.10
N PHE A 29 -0.20 4.21 -2.19
CA PHE A 29 -1.31 3.27 -2.40
C PHE A 29 -2.55 3.85 -1.75
N SER A 30 -3.69 3.25 -2.05
CA SER A 30 -4.96 3.85 -1.71
C SER A 30 -5.65 3.08 -0.56
N VAL A 31 -6.30 3.85 0.31
CA VAL A 31 -7.04 3.35 1.47
C VAL A 31 -8.48 3.83 1.30
N PRO A 32 -9.44 2.90 1.19
CA PRO A 32 -10.84 3.28 0.90
C PRO A 32 -11.59 3.81 2.12
N VAL A 33 -12.03 5.06 2.05
CA VAL A 33 -12.71 5.70 3.17
C VAL A 33 -14.03 6.25 2.66
N SER A 34 -14.94 6.58 3.57
CA SER A 34 -16.25 7.14 3.22
C SER A 34 -16.17 8.65 3.44
N ASP A 35 -16.16 9.08 4.69
CA ASP A 35 -16.07 10.50 5.03
C ASP A 35 -14.60 10.90 5.07
N GLN A 36 -14.15 11.66 4.07
CA GLN A 36 -12.75 12.03 3.96
C GLN A 36 -12.30 13.01 5.04
N GLU A 37 -13.17 13.91 5.47
CA GLU A 37 -12.82 14.82 6.57
C GLU A 37 -12.56 14.06 7.87
N LYS A 38 -13.41 13.08 8.14
CA LYS A 38 -13.23 12.22 9.31
C LYS A 38 -11.92 11.43 9.19
N ALA A 39 -11.69 10.86 8.01
CA ALA A 39 -10.45 10.11 7.75
C ALA A 39 -9.22 11.02 7.93
N LYS A 40 -9.27 12.23 7.40
CA LYS A 40 -8.15 13.18 7.55
C LYS A 40 -7.83 13.37 9.03
N ASP A 41 -8.83 13.71 9.84
N ASP A 41 -8.86 13.71 9.82
CA ASP A 41 -8.56 13.95 11.24
CA ASP A 41 -8.71 13.90 11.27
C ASP A 41 -8.07 12.70 11.97
C ASP A 41 -8.07 12.70 11.94
N PHE A 42 -8.57 11.51 11.62
CA PHE A 42 -8.06 10.27 12.24
C PHE A 42 -6.58 10.04 11.91
N TYR A 43 -6.24 10.07 10.63
CA TYR A 43 -4.85 9.75 10.23
C TYR A 43 -3.85 10.83 10.62
N VAL A 44 -4.24 12.10 10.55
CA VAL A 44 -3.35 13.20 10.87
C VAL A 44 -3.29 13.44 12.38
N GLU A 45 -4.44 13.64 13.01
CA GLU A 45 -4.45 14.01 14.45
C GLU A 45 -4.27 12.82 15.37
N THR A 46 -4.99 11.73 15.12
CA THR A 46 -4.97 10.57 16.03
C THR A 46 -3.77 9.67 15.81
N VAL A 47 -3.51 9.27 14.56
CA VAL A 47 -2.38 8.40 14.23
C VAL A 47 -1.08 9.20 14.04
N GLY A 48 -1.22 10.51 13.84
CA GLY A 48 -0.04 11.41 13.76
C GLY A 48 0.71 11.47 12.45
N PHE A 49 0.04 11.16 11.33
CA PHE A 49 0.67 11.21 10.02
C PHE A 49 0.79 12.65 9.59
N ASP A 50 1.75 12.91 8.71
CA ASP A 50 1.84 14.21 8.06
C ASP A 50 0.79 14.32 6.95
N LEU A 51 0.15 15.48 6.85
CA LEU A 51 -0.72 15.81 5.73
C LEU A 51 0.12 16.28 4.54
N LEU A 52 0.19 15.49 3.48
CA LEU A 52 1.01 15.86 2.32
C LEU A 52 0.26 16.74 1.35
N ALA A 53 -1.02 16.43 1.13
CA ALA A 53 -1.80 17.16 0.14
C ALA A 53 -3.27 17.00 0.43
N ASP A 54 -4.05 18.04 0.14
CA ASP A 54 -5.50 18.02 0.29
C ASP A 54 -6.03 19.04 -0.73
N GLN A 55 -6.45 18.53 -1.90
CA GLN A 55 -6.77 19.37 -3.04
C GLN A 55 -7.74 18.67 -3.98
N PRO A 56 -8.29 19.42 -4.96
CA PRO A 56 -9.14 18.71 -5.93
C PRO A 56 -8.33 17.78 -6.77
N GLY A 57 -8.85 16.58 -6.98
CA GLY A 57 -8.19 15.58 -7.80
C GLY A 57 -9.10 15.17 -8.94
N VAL A 58 -8.64 14.15 -9.68
CA VAL A 58 -9.28 13.68 -10.91
C VAL A 58 -10.73 13.19 -10.65
N HIS A 59 -10.91 12.36 -9.63
CA HIS A 59 -12.22 11.73 -9.37
C HIS A 59 -12.89 12.23 -8.09
N GLY A 60 -12.41 13.37 -7.56
CA GLY A 60 -12.90 13.97 -6.31
C GLY A 60 -11.78 14.57 -5.47
N ARG A 61 -11.99 14.70 -4.16
CA ARG A 61 -10.96 15.24 -3.27
C ARG A 61 -9.75 14.29 -3.15
N TRP A 62 -8.56 14.81 -3.40
CA TRP A 62 -7.32 14.09 -3.19
C TRP A 62 -6.77 14.41 -1.80
N LEU A 63 -6.62 13.38 -0.98
CA LEU A 63 -6.20 13.53 0.40
C LEU A 63 -5.10 12.51 0.65
N GLN A 64 -3.92 13.00 0.98
CA GLN A 64 -2.71 12.21 0.99
C GLN A 64 -1.91 12.46 2.26
N VAL A 65 -1.55 11.35 2.93
CA VAL A 65 -0.91 11.39 4.24
C VAL A 65 0.27 10.42 4.27
N ALA A 66 1.21 10.65 5.19
CA ALA A 66 2.33 9.74 5.36
C ALA A 66 2.97 9.91 6.72
N PRO A 67 3.52 8.81 7.27
CA PRO A 67 4.47 9.00 8.38
C PRO A 67 5.55 9.99 7.91
N LYS A 68 5.90 10.94 8.78
CA LYS A 68 6.85 12.00 8.42
C LYS A 68 8.14 11.45 7.81
N GLY A 69 8.42 11.87 6.58
CA GLY A 69 9.68 11.59 5.91
C GLY A 69 9.71 10.26 5.20
N ALA A 70 8.58 9.57 5.13
CA ALA A 70 8.51 8.27 4.50
C ALA A 70 8.37 8.39 2.99
N ASP A 71 8.91 7.40 2.28
CA ASP A 71 8.92 7.42 0.81
C ASP A 71 7.55 7.04 0.24
N THR A 72 6.85 6.12 0.92
CA THR A 72 5.55 5.64 0.44
C THR A 72 4.42 6.27 1.23
N SER A 73 3.49 6.91 0.54
CA SER A 73 2.36 7.59 1.19
C SER A 73 1.03 6.87 0.95
N LEU A 74 -0.04 7.37 1.61
CA LEU A 74 -1.35 6.75 1.54
C LEU A 74 -2.33 7.79 1.06
N VAL A 75 -3.22 7.39 0.15
CA VAL A 75 -4.24 8.28 -0.40
C VAL A 75 -5.59 7.81 0.13
N LEU A 76 -6.33 8.71 0.76
CA LEU A 76 -7.56 8.39 1.46
C LEU A 76 -8.71 8.77 0.52
N VAL A 77 -9.16 7.76 -0.23
CA VAL A 77 -10.03 7.94 -1.40
C VAL A 77 -11.36 7.26 -1.21
N ASP A 78 -12.37 7.73 -1.92
CA ASP A 78 -13.64 7.03 -2.03
C ASP A 78 -13.99 6.77 -3.51
N TRP A 79 -12.96 6.59 -4.36
CA TRP A 79 -13.01 6.59 -5.86
CA TRP A 79 -13.12 6.64 -5.81
C TRP A 79 -13.41 5.28 -6.46
N PHE A 80 -13.07 4.19 -5.77
CA PHE A 80 -12.97 2.89 -6.38
C PHE A 80 -14.05 1.96 -5.86
N PRO A 81 -15.07 1.69 -6.68
CA PRO A 81 -16.13 0.75 -6.30
C PRO A 81 -15.66 -0.64 -5.87
N THR A 82 -14.57 -1.12 -6.44
CA THR A 82 -14.06 -2.44 -6.09
C THR A 82 -13.38 -2.45 -4.71
N MET A 83 -13.15 -1.26 -4.14
CA MET A 83 -12.62 -1.10 -2.79
C MET A 83 -13.63 -0.38 -1.90
N PRO A 84 -14.58 -1.11 -1.33
CA PRO A 84 -15.59 -0.44 -0.51
C PRO A 84 -14.95 0.19 0.74
N PRO A 85 -15.52 1.29 1.24
CA PRO A 85 -14.96 1.90 2.46
C PRO A 85 -14.77 0.88 3.58
N GLY A 86 -13.60 0.92 4.21
CA GLY A 86 -13.33 0.06 5.35
C GLY A 86 -12.94 -1.37 5.05
N SER A 87 -12.71 -1.67 3.77
CA SER A 87 -12.42 -3.03 3.34
C SER A 87 -10.95 -3.44 3.43
N LEU A 88 -10.05 -2.49 3.68
CA LEU A 88 -8.63 -2.81 3.58
C LEU A 88 -8.14 -3.58 4.82
N ARG A 89 -7.27 -4.55 4.54
CA ARG A 89 -6.63 -5.39 5.54
C ARG A 89 -5.17 -5.58 5.12
N GLY A 90 -4.36 -6.09 6.05
CA GLY A 90 -3.00 -6.52 5.71
C GLY A 90 -2.00 -5.39 5.50
N LEU A 91 -2.24 -4.28 6.19
CA LEU A 91 -1.39 -3.09 6.15
C LEU A 91 -0.60 -3.06 7.46
N LEU A 92 0.72 -2.95 7.36
CA LEU A 92 1.58 -3.02 8.53
C LEU A 92 2.52 -1.82 8.55
N LEU A 93 2.46 -1.03 9.63
CA LEU A 93 3.33 0.13 9.80
C LEU A 93 4.50 -0.27 10.67
N ARG A 94 5.72 0.11 10.27
CA ARG A 94 6.90 -0.12 11.11
C ARG A 94 7.01 0.99 12.16
N THR A 95 7.24 0.62 13.41
CA THR A 95 7.41 1.60 14.46
C THR A 95 8.64 1.22 15.31
N ASP A 96 9.33 2.23 15.82
CA ASP A 96 10.48 2.03 16.73
C ASP A 96 10.04 1.77 18.18
N ASP A 97 8.78 2.04 18.50
CA ASP A 97 8.28 1.78 19.87
C ASP A 97 6.80 1.44 19.85
N VAL A 98 6.50 0.17 19.58
CA VAL A 98 5.12 -0.32 19.52
C VAL A 98 4.37 -0.14 20.84
N ASP A 99 5.04 -0.41 21.97
CA ASP A 99 4.40 -0.24 23.28
C ASP A 99 3.95 1.19 23.52
N ALA A 100 4.82 2.15 23.25
CA ALA A 100 4.48 3.55 23.41
C ALA A 100 3.41 4.01 22.42
N ASP A 101 3.45 3.49 21.20
CA ASP A 101 2.42 3.87 20.21
C ASP A 101 1.04 3.37 20.61
N CYS A 102 0.97 2.13 21.11
CA CYS A 102 -0.29 1.56 21.60
C CYS A 102 -0.84 2.35 22.78
N ALA A 103 0.05 2.76 23.68
CA ALA A 103 -0.37 3.56 24.83
C ALA A 103 -0.90 4.93 24.38
N ARG A 104 -0.25 5.55 23.40
CA ARG A 104 -0.74 6.78 22.80
C ARG A 104 -2.11 6.61 22.13
N LEU A 105 -2.29 5.53 21.37
CA LEU A 105 -3.57 5.30 20.66
C LEU A 105 -4.72 5.12 21.67
N GLN A 106 -4.46 4.33 22.71
CA GLN A 106 -5.41 4.12 23.81
C GLN A 106 -5.79 5.43 24.49
N GLU A 107 -4.78 6.24 24.79
CA GLU A 107 -5.00 7.58 25.38
C GLU A 107 -5.90 8.45 24.50
N ARG A 108 -5.71 8.31 23.18
CA ARG A 108 -6.46 9.06 22.20
C ARG A 108 -7.82 8.44 21.80
N GLY A 109 -8.29 7.43 22.53
CA GLY A 109 -9.64 6.91 22.30
C GLY A 109 -9.72 5.87 21.20
N VAL A 110 -8.63 5.16 20.95
CA VAL A 110 -8.63 4.08 19.95
C VAL A 110 -8.42 2.71 20.60
N ALA A 111 -9.23 1.73 20.20
CA ALA A 111 -9.09 0.35 20.68
C ALA A 111 -7.88 -0.28 19.98
N VAL A 112 -7.00 -0.88 20.76
CA VAL A 112 -5.81 -1.55 20.22
C VAL A 112 -5.83 -2.99 20.70
N ASP A 113 -5.63 -3.90 19.75
CA ASP A 113 -5.43 -5.32 20.02
C ASP A 113 -3.91 -5.54 20.07
N GLY A 114 -3.42 -6.10 21.17
CA GLY A 114 -1.97 -6.25 21.38
C GLY A 114 -1.47 -5.11 22.24
N PRO A 115 -0.16 -4.87 22.32
CA PRO A 115 0.85 -5.54 21.50
C PRO A 115 1.15 -6.95 21.98
N LYS A 116 1.51 -7.82 21.04
CA LYS A 116 1.92 -9.18 21.32
C LYS A 116 3.12 -9.61 20.46
N ASN A 117 3.96 -10.46 21.02
CA ASN A 117 5.12 -10.99 20.30
C ASN A 117 4.67 -11.90 19.19
N THR A 118 5.34 -11.84 18.03
CA THR A 118 5.11 -12.72 16.92
C THR A 118 6.48 -13.09 16.33
N PRO A 119 6.52 -14.07 15.41
CA PRO A 119 7.79 -14.46 14.75
C PRO A 119 8.48 -13.35 13.93
N TRP A 120 7.73 -12.27 13.63
CA TRP A 120 8.18 -11.18 12.77
C TRP A 120 8.29 -9.86 13.49
N GLY A 121 8.16 -9.89 14.82
CA GLY A 121 8.28 -8.71 15.64
C GLY A 121 7.09 -8.55 16.56
N ARG A 122 7.12 -7.49 17.35
CA ARG A 122 6.08 -7.20 18.33
C ARG A 122 5.01 -6.34 17.65
N GLN A 123 3.79 -6.86 17.58
CA GLN A 123 2.74 -6.26 16.74
C GLN A 123 1.45 -5.95 17.47
N ALA A 124 0.71 -5.01 16.90
CA ALA A 124 -0.58 -4.61 17.42
C ALA A 124 -1.47 -4.25 16.22
N MET A 125 -2.78 -4.18 16.43
CA MET A 125 -3.69 -3.79 15.35
C MET A 125 -4.78 -2.88 15.89
N PHE A 126 -5.27 -2.00 15.02
CA PHE A 126 -6.41 -1.16 15.33
C PHE A 126 -7.09 -0.85 14.04
N SER A 127 -8.25 -0.20 14.12
CA SER A 127 -9.02 0.10 12.93
C SER A 127 -9.28 1.61 12.84
N ASP A 128 -9.48 2.07 11.59
CA ASP A 128 -9.85 3.44 11.34
C ASP A 128 -11.38 3.58 11.38
N PRO A 129 -11.90 4.81 11.22
CA PRO A 129 -13.34 5.05 11.34
C PRO A 129 -14.24 4.23 10.43
N ASP A 130 -13.73 3.83 9.25
CA ASP A 130 -14.46 2.96 8.35
C ASP A 130 -14.31 1.45 8.59
N GLY A 131 -13.32 1.05 9.37
CA GLY A 131 -13.06 -0.36 9.64
C GLY A 131 -11.83 -0.90 8.93
N ASN A 132 -11.10 -0.06 8.20
CA ASN A 132 -9.82 -0.51 7.64
C ASN A 132 -8.91 -0.89 8.81
N VAL A 133 -8.19 -1.98 8.67
CA VAL A 133 -7.38 -2.54 9.75
C VAL A 133 -5.90 -2.21 9.52
N ILE A 134 -5.30 -1.60 10.52
CA ILE A 134 -3.94 -1.09 10.45
C ILE A 134 -3.13 -1.83 11.48
N GLY A 135 -2.00 -2.40 11.05
CA GLY A 135 -1.08 -3.07 11.97
C GLY A 135 0.07 -2.18 12.36
N LEU A 136 0.64 -2.43 13.54
CA LEU A 136 1.91 -1.82 13.97
C LEU A 136 2.90 -2.95 14.20
N ASN A 137 4.15 -2.76 13.79
CA ASN A 137 5.18 -3.78 14.02
C ASN A 137 6.50 -3.14 14.42
N GLN A 138 7.06 -3.64 15.53
CA GLN A 138 8.43 -3.31 15.95
C GLN A 138 9.28 -4.59 15.82
N PRO A 139 10.15 -4.67 14.79
CA PRO A 139 10.97 -5.90 14.60
C PRO A 139 11.92 -6.16 15.77
N SER A 140 12.38 -7.41 15.87
CA SER A 140 13.18 -7.90 17.03
C SER A 140 14.56 -7.25 17.12
N HIS B 20 4.41 12.99 19.49
CA HIS B 20 4.55 12.33 18.16
C HIS B 20 4.66 10.80 18.30
N MET B 21 4.10 10.09 17.32
CA MET B 21 4.17 8.63 17.28
C MET B 21 5.56 8.21 16.78
N ALA B 22 5.93 6.97 17.06
CA ALA B 22 7.22 6.37 16.68
C ALA B 22 7.17 5.61 15.36
N ILE B 23 6.05 5.75 14.64
CA ILE B 23 5.89 5.11 13.34
C ILE B 23 6.88 5.75 12.37
N SER B 24 7.63 4.94 11.65
CA SER B 24 8.62 5.42 10.67
C SER B 24 8.11 5.39 9.24
N HIS B 25 7.46 4.29 8.87
CA HIS B 25 7.02 4.08 7.50
C HIS B 25 6.08 2.87 7.42
N VAL B 26 5.43 2.73 6.26
CA VAL B 26 4.64 1.54 5.97
C VAL B 26 5.65 0.43 5.70
N GLN B 27 5.64 -0.60 6.52
CA GLN B 27 6.47 -1.77 6.28
C GLN B 27 6.01 -2.55 5.05
N LEU B 28 4.71 -2.83 5.01
CA LEU B 28 4.15 -3.57 3.91
C LEU B 28 2.64 -3.35 3.82
N PHE B 29 2.10 -3.65 2.65
CA PHE B 29 0.65 -3.68 2.44
C PHE B 29 0.34 -4.86 1.53
N SER B 30 -0.95 -5.18 1.42
CA SER B 30 -1.41 -6.40 0.77
C SER B 30 -2.09 -6.16 -0.57
N VAL B 31 -1.78 -7.04 -1.52
CA VAL B 31 -2.36 -7.02 -2.87
C VAL B 31 -3.09 -8.34 -3.03
N PRO B 32 -4.39 -8.29 -3.28
CA PRO B 32 -5.19 -9.52 -3.35
C PRO B 32 -5.04 -10.26 -4.68
N VAL B 33 -4.56 -11.49 -4.60
CA VAL B 33 -4.35 -12.31 -5.80
C VAL B 33 -5.09 -13.64 -5.62
N SER B 34 -5.29 -14.35 -6.71
CA SER B 34 -5.96 -15.66 -6.64
C SER B 34 -4.86 -16.71 -6.77
N ASP B 35 -4.18 -16.74 -7.88
CA ASP B 35 -3.11 -17.69 -8.12
C ASP B 35 -1.76 -17.07 -7.72
N GLN B 36 -1.16 -17.55 -6.63
CA GLN B 36 0.10 -16.99 -6.11
C GLN B 36 1.33 -17.30 -6.95
N GLU B 37 1.36 -18.45 -7.64
CA GLU B 37 2.50 -18.77 -8.50
C GLU B 37 2.53 -17.82 -9.70
N LYS B 38 1.37 -17.60 -10.30
CA LYS B 38 1.25 -16.66 -11.41
C LYS B 38 1.52 -15.21 -10.96
N ALA B 39 1.09 -14.86 -9.76
CA ALA B 39 1.37 -13.52 -9.25
C ALA B 39 2.86 -13.33 -8.98
N LYS B 40 3.50 -14.32 -8.35
CA LYS B 40 4.95 -14.28 -8.11
C LYS B 40 5.70 -14.05 -9.42
N ASP B 41 5.38 -14.86 -10.43
N ASP B 41 5.40 -14.86 -10.44
CA ASP B 41 6.04 -14.75 -11.71
CA ASP B 41 6.07 -14.72 -11.76
C ASP B 41 5.80 -13.38 -12.36
C ASP B 41 5.82 -13.34 -12.34
N PHE B 42 4.58 -12.86 -12.26
CA PHE B 42 4.27 -11.51 -12.78
C PHE B 42 5.07 -10.41 -12.07
N TYR B 43 4.98 -10.34 -10.75
CA TYR B 43 5.66 -9.29 -10.00
C TYR B 43 7.18 -9.38 -10.05
N VAL B 44 7.72 -10.60 -10.00
CA VAL B 44 9.17 -10.77 -10.01
C VAL B 44 9.71 -10.67 -11.42
N GLU B 45 9.22 -11.51 -12.35
CA GLU B 45 9.80 -11.59 -13.70
C GLU B 45 9.37 -10.47 -14.65
N THR B 46 8.09 -10.11 -14.60
CA THR B 46 7.57 -9.10 -15.53
C THR B 46 7.78 -7.70 -15.01
N VAL B 47 7.40 -7.44 -13.78
CA VAL B 47 7.54 -6.09 -13.22
C VAL B 47 8.95 -5.83 -12.67
N GLY B 48 9.70 -6.90 -12.39
CA GLY B 48 11.09 -6.80 -11.99
C GLY B 48 11.34 -6.56 -10.51
N PHE B 49 10.38 -6.86 -9.66
CA PHE B 49 10.57 -6.78 -8.21
C PHE B 49 11.50 -7.88 -7.69
N ASP B 50 12.16 -7.63 -6.56
CA ASP B 50 12.87 -8.69 -5.85
C ASP B 50 11.87 -9.54 -5.08
N LEU B 51 12.16 -10.82 -4.99
CA LEU B 51 11.42 -11.71 -4.11
C LEU B 51 12.03 -11.64 -2.72
N LEU B 52 11.27 -11.16 -1.76
CA LEU B 52 11.77 -10.99 -0.40
C LEU B 52 11.53 -12.22 0.43
N ALA B 53 10.40 -12.89 0.23
CA ALA B 53 10.04 -14.07 1.02
C ALA B 53 9.03 -14.95 0.27
N ASP B 54 9.17 -16.27 0.44
CA ASP B 54 8.22 -17.23 -0.10
C ASP B 54 8.25 -18.42 0.83
N GLN B 55 7.38 -18.40 1.85
CA GLN B 55 7.53 -19.26 3.03
C GLN B 55 6.20 -19.43 3.72
N PRO B 56 6.09 -20.39 4.67
CA PRO B 56 4.81 -20.54 5.36
C PRO B 56 4.47 -19.32 6.21
N GLY B 57 3.21 -18.92 6.15
CA GLY B 57 2.70 -17.83 6.96
C GLY B 57 1.50 -18.32 7.74
N VAL B 58 0.87 -17.42 8.50
CA VAL B 58 -0.25 -17.87 9.40
C VAL B 58 -1.48 -18.38 8.63
N HIS B 59 -1.81 -17.79 7.47
CA HIS B 59 -2.98 -18.26 6.69
C HIS B 59 -2.64 -19.04 5.43
N GLY B 60 -1.40 -19.51 5.33
CA GLY B 60 -0.90 -20.22 4.15
C GLY B 60 0.37 -19.55 3.64
N ARG B 61 0.61 -19.68 2.35
CA ARG B 61 1.86 -19.25 1.75
C ARG B 61 2.02 -17.72 1.83
N TRP B 62 3.12 -17.28 2.40
CA TRP B 62 3.46 -15.87 2.49
C TRP B 62 4.43 -15.53 1.37
N LEU B 63 3.99 -14.64 0.49
CA LEU B 63 4.73 -14.26 -0.70
C LEU B 63 4.88 -12.72 -0.68
N GLN B 64 6.13 -12.27 -0.62
CA GLN B 64 6.46 -10.87 -0.38
C GLN B 64 7.45 -10.41 -1.44
N VAL B 65 7.15 -9.27 -2.07
CA VAL B 65 7.97 -8.75 -3.16
C VAL B 65 8.14 -7.25 -2.99
N ALA B 66 9.21 -6.69 -3.55
CA ALA B 66 9.40 -5.23 -3.53
C ALA B 66 10.43 -4.81 -4.55
N PRO B 67 10.33 -3.57 -5.04
CA PRO B 67 11.46 -3.02 -5.76
C PRO B 67 12.76 -3.15 -4.94
N LYS B 68 13.87 -3.45 -5.61
CA LYS B 68 15.14 -3.61 -4.92
C LYS B 68 15.45 -2.33 -4.13
N GLY B 69 15.84 -2.48 -2.86
CA GLY B 69 16.24 -1.36 -2.03
C GLY B 69 15.12 -0.57 -1.35
N ALA B 70 13.86 -0.87 -1.68
CA ALA B 70 12.72 -0.08 -1.19
C ALA B 70 12.30 -0.47 0.23
N ASP B 71 11.83 0.52 0.98
CA ASP B 71 11.40 0.31 2.37
C ASP B 71 10.08 -0.43 2.48
N THR B 72 9.14 -0.12 1.59
CA THR B 72 7.80 -0.67 1.67
C THR B 72 7.64 -1.81 0.68
N SER B 73 7.18 -2.96 1.17
CA SER B 73 6.99 -4.14 0.32
C SER B 73 5.52 -4.49 0.15
N LEU B 74 5.26 -5.45 -0.74
CA LEU B 74 3.95 -5.89 -1.08
C LEU B 74 3.81 -7.37 -0.75
N VAL B 75 2.67 -7.73 -0.15
CA VAL B 75 2.35 -9.13 0.16
C VAL B 75 1.25 -9.62 -0.76
N LEU B 76 1.49 -10.75 -1.43
CA LEU B 76 0.59 -11.22 -2.44
C LEU B 76 -0.24 -12.35 -1.82
N VAL B 77 -1.40 -11.96 -1.31
CA VAL B 77 -2.23 -12.76 -0.38
C VAL B 77 -3.56 -13.06 -1.00
N ASP B 78 -4.21 -14.11 -0.47
N ASP B 78 -4.24 -14.16 -0.61
CA ASP B 78 -5.55 -14.52 -0.86
CA ASP B 78 -5.71 -14.19 -0.76
C ASP B 78 -6.50 -14.77 0.33
C ASP B 78 -6.42 -14.80 0.38
N TRP B 79 -6.27 -14.15 1.49
CA TRP B 79 -7.02 -14.55 2.70
C TRP B 79 -7.79 -13.44 3.40
N PHE B 80 -8.11 -12.37 2.66
CA PHE B 80 -8.99 -11.34 3.18
C PHE B 80 -10.26 -11.28 2.34
N PRO B 81 -11.37 -11.81 2.87
CA PRO B 81 -12.65 -11.79 2.11
C PRO B 81 -13.11 -10.40 1.63
N THR B 82 -12.77 -9.34 2.38
CA THR B 82 -13.14 -7.97 2.00
C THR B 82 -12.30 -7.38 0.86
N MET B 83 -11.25 -8.10 0.46
CA MET B 83 -10.37 -7.77 -0.65
C MET B 83 -10.33 -8.90 -1.69
N PRO B 84 -11.34 -8.97 -2.56
CA PRO B 84 -11.35 -10.01 -3.58
C PRO B 84 -10.14 -9.90 -4.50
N PRO B 85 -9.66 -11.03 -5.02
CA PRO B 85 -8.58 -10.97 -6.02
C PRO B 85 -8.89 -10.00 -7.12
N GLY B 86 -7.92 -9.17 -7.47
CA GLY B 86 -8.07 -8.23 -8.57
C GLY B 86 -8.80 -6.93 -8.26
N SER B 87 -9.15 -6.70 -6.99
CA SER B 87 -9.98 -5.56 -6.59
C SER B 87 -9.18 -4.29 -6.30
N LEU B 88 -7.86 -4.40 -6.20
CA LEU B 88 -7.07 -3.24 -5.81
C LEU B 88 -6.93 -2.22 -6.94
N ARG B 89 -6.96 -0.95 -6.56
CA ARG B 89 -6.76 0.18 -7.44
C ARG B 89 -5.90 1.23 -6.73
N GLY B 90 -5.46 2.23 -7.48
CA GLY B 90 -4.76 3.39 -6.90
C GLY B 90 -3.42 3.09 -6.25
N LEU B 91 -2.73 2.10 -6.79
CA LEU B 91 -1.35 1.76 -6.41
C LEU B 91 -0.43 2.41 -7.44
N LEU B 92 0.49 3.25 -6.99
CA LEU B 92 1.39 3.97 -7.91
C LEU B 92 2.84 3.70 -7.58
N LEU B 93 3.60 3.28 -8.58
CA LEU B 93 5.01 2.98 -8.45
C LEU B 93 5.81 4.13 -9.04
N ARG B 94 6.82 4.59 -8.31
CA ARG B 94 7.73 5.60 -8.82
C ARG B 94 8.78 4.92 -9.69
N THR B 95 9.00 5.48 -10.86
CA THR B 95 10.03 5.01 -11.77
C THR B 95 10.89 6.15 -12.29
N ASP B 96 12.17 5.84 -12.55
CA ASP B 96 13.10 6.80 -13.11
C ASP B 96 13.02 6.82 -14.65
N ASP B 97 12.25 5.91 -15.25
CA ASP B 97 12.14 5.87 -16.71
C ASP B 97 10.84 5.20 -17.12
N VAL B 98 9.76 5.96 -17.05
CA VAL B 98 8.44 5.42 -17.37
C VAL B 98 8.34 4.95 -18.83
N ASP B 99 8.95 5.69 -19.76
CA ASP B 99 8.86 5.33 -21.17
C ASP B 99 9.49 3.96 -21.44
N ALA B 100 10.67 3.74 -20.88
CA ALA B 100 11.37 2.46 -21.08
C ALA B 100 10.66 1.33 -20.34
N ASP B 101 10.16 1.62 -19.14
CA ASP B 101 9.37 0.62 -18.43
C ASP B 101 8.11 0.20 -19.17
N CYS B 102 7.37 1.14 -19.73
CA CYS B 102 6.22 0.80 -20.53
C CYS B 102 6.55 -0.09 -21.74
N ALA B 103 7.67 0.21 -22.41
CA ALA B 103 8.07 -0.57 -23.58
C ALA B 103 8.43 -1.99 -23.16
N ARG B 104 9.13 -2.12 -22.04
CA ARG B 104 9.47 -3.43 -21.46
C ARG B 104 8.22 -4.23 -21.11
N LEU B 105 7.26 -3.58 -20.47
CA LEU B 105 6.00 -4.26 -20.13
C LEU B 105 5.28 -4.76 -21.40
N GLN B 106 5.24 -3.91 -22.41
CA GLN B 106 4.57 -4.27 -23.67
C GLN B 106 5.24 -5.45 -24.34
N GLU B 107 6.57 -5.48 -24.32
CA GLU B 107 7.36 -6.62 -24.85
C GLU B 107 7.10 -7.94 -24.11
N ARG B 108 6.74 -7.83 -22.85
CA ARG B 108 6.38 -8.96 -21.97
C ARG B 108 4.88 -9.32 -22.00
N GLY B 109 4.12 -8.72 -22.93
CA GLY B 109 2.74 -9.08 -23.15
C GLY B 109 1.72 -8.34 -22.29
N VAL B 110 2.14 -7.29 -21.61
CA VAL B 110 1.24 -6.50 -20.74
C VAL B 110 0.65 -5.34 -21.53
N ALA B 111 -0.66 -5.18 -21.48
CA ALA B 111 -1.31 -4.02 -22.10
C ALA B 111 -1.08 -2.79 -21.22
N VAL B 112 -0.48 -1.75 -21.77
CA VAL B 112 -0.19 -0.52 -21.00
C VAL B 112 -1.04 0.62 -21.57
N ASP B 113 -1.62 1.40 -20.67
CA ASP B 113 -2.34 2.62 -20.99
C ASP B 113 -1.40 3.80 -20.71
N GLY B 114 -1.02 4.53 -21.76
CA GLY B 114 -0.07 5.63 -21.64
C GLY B 114 1.29 5.25 -22.19
N PRO B 115 2.36 5.94 -21.79
CA PRO B 115 2.32 7.03 -20.81
C PRO B 115 1.66 8.31 -21.30
N LYS B 116 1.19 9.12 -20.34
CA LYS B 116 0.57 10.42 -20.59
C LYS B 116 1.22 11.42 -19.64
N ASN B 117 1.46 12.64 -20.11
CA ASN B 117 1.88 13.70 -19.20
C ASN B 117 0.67 14.15 -18.40
N THR B 118 0.88 14.33 -17.10
CA THR B 118 -0.19 14.77 -16.18
C THR B 118 0.39 15.89 -15.32
N PRO B 119 -0.47 16.62 -14.59
CA PRO B 119 0.04 17.64 -13.67
C PRO B 119 1.02 17.10 -12.59
N TRP B 120 0.97 15.79 -12.30
CA TRP B 120 1.71 15.19 -11.20
C TRP B 120 2.78 14.21 -11.64
N GLY B 121 3.19 14.31 -12.90
CA GLY B 121 4.23 13.50 -13.49
C GLY B 121 3.76 12.80 -14.76
N ARG B 122 4.67 12.08 -15.40
CA ARG B 122 4.36 11.33 -16.59
C ARG B 122 3.98 9.92 -16.11
N GLN B 123 2.74 9.50 -16.46
CA GLN B 123 2.14 8.32 -15.85
C GLN B 123 1.59 7.33 -16.84
N ALA B 124 1.56 6.07 -16.41
CA ALA B 124 0.98 4.98 -17.17
C ALA B 124 0.25 4.04 -16.22
N MET B 125 -0.62 3.23 -16.77
CA MET B 125 -1.36 2.24 -16.00
C MET B 125 -1.34 0.88 -16.67
N PHE B 126 -1.31 -0.16 -15.86
CA PHE B 126 -1.44 -1.52 -16.34
C PHE B 126 -2.05 -2.42 -15.28
N SER B 127 -2.51 -3.60 -15.68
CA SER B 127 -3.10 -4.55 -14.74
C SER B 127 -2.26 -5.78 -14.51
N ASP B 128 -2.36 -6.33 -13.30
CA ASP B 128 -1.77 -7.63 -12.98
C ASP B 128 -2.71 -8.76 -13.45
N PRO B 129 -2.29 -10.03 -13.25
CA PRO B 129 -3.11 -11.11 -13.84
C PRO B 129 -4.51 -11.24 -13.27
N ASP B 130 -4.71 -10.76 -12.04
CA ASP B 130 -6.02 -10.75 -11.43
C ASP B 130 -6.89 -9.52 -11.74
N GLY B 131 -6.31 -8.48 -12.34
CA GLY B 131 -7.02 -7.25 -12.59
C GLY B 131 -6.76 -6.12 -11.61
N ASN B 132 -5.86 -6.30 -10.64
CA ASN B 132 -5.40 -5.17 -9.82
C ASN B 132 -4.74 -4.17 -10.74
N VAL B 133 -5.00 -2.89 -10.54
CA VAL B 133 -4.49 -1.87 -11.43
C VAL B 133 -3.31 -1.18 -10.79
N ILE B 134 -2.21 -1.13 -11.53
CA ILE B 134 -0.92 -0.59 -11.09
C ILE B 134 -0.56 0.61 -11.97
N GLY B 135 -0.10 1.68 -11.34
CA GLY B 135 0.36 2.87 -12.04
C GLY B 135 1.87 3.00 -11.97
N LEU B 136 2.42 3.72 -12.94
CA LEU B 136 3.81 4.12 -12.96
C LEU B 136 3.82 5.63 -13.05
N ASN B 137 4.76 6.25 -12.33
CA ASN B 137 4.91 7.67 -12.32
C ASN B 137 6.37 8.06 -12.34
N GLN B 138 6.72 8.87 -13.33
CA GLN B 138 8.01 9.54 -13.38
C GLN B 138 7.78 11.06 -13.21
N PRO B 139 8.40 11.67 -12.18
CA PRO B 139 8.33 13.13 -12.00
C PRO B 139 8.70 13.94 -13.24
N SER B 140 8.05 15.10 -13.40
CA SER B 140 8.23 15.96 -14.59
C SER B 140 9.65 16.43 -14.83
#